data_2NB5
#
_entry.id   2NB5
#
_entity_poly.entity_id   1
_entity_poly.type   'polypeptide(L)'
_entity_poly.pdbx_seq_one_letter_code
;GDCYWTSTPPFFTCTPD
;
_entity_poly.pdbx_strand_id   A
#
# COMPACT_ATOMS: atom_id res chain seq x y z
N GLY A 1 -2.87 -9.74 -3.62
CA GLY A 1 -2.20 -9.35 -4.84
C GLY A 1 -2.63 -7.98 -5.33
N ASP A 2 -2.63 -7.00 -4.44
CA ASP A 2 -3.03 -5.65 -4.78
C ASP A 2 -2.43 -4.64 -3.81
N CYS A 3 -2.29 -3.39 -4.26
CA CYS A 3 -1.74 -2.33 -3.43
C CYS A 3 -2.65 -1.11 -3.41
N TYR A 4 -2.33 -0.16 -2.55
CA TYR A 4 -3.13 1.06 -2.43
C TYR A 4 -2.26 2.25 -2.06
N TRP A 5 -2.71 3.45 -2.42
CA TRP A 5 -1.98 4.67 -2.12
C TRP A 5 -2.34 5.21 -0.75
N THR A 6 -1.36 5.79 -0.06
CA THR A 6 -1.58 6.35 1.27
C THR A 6 -0.74 7.61 1.49
N SER A 7 -1.22 8.47 2.37
CA SER A 7 -0.52 9.72 2.67
C SER A 7 0.69 9.47 3.57
N THR A 8 0.42 8.97 4.78
CA THR A 8 1.48 8.70 5.73
C THR A 8 2.33 7.52 5.27
N PRO A 9 3.60 7.50 5.72
CA PRO A 9 4.55 6.43 5.37
C PRO A 9 4.19 5.10 6.02
N PRO A 10 4.33 4.01 5.26
CA PRO A 10 4.80 4.06 3.87
C PRO A 10 3.76 4.71 2.95
N PHE A 11 4.25 5.53 2.01
CA PHE A 11 3.37 6.19 1.05
C PHE A 11 2.62 5.19 0.20
N PHE A 12 3.20 4.00 0.04
CA PHE A 12 2.59 2.95 -0.75
C PHE A 12 2.64 1.61 -0.02
N THR A 13 1.49 0.95 0.08
CA THR A 13 1.39 -0.33 0.77
C THR A 13 0.79 -1.39 -0.14
N CYS A 14 1.28 -2.62 -0.01
CA CYS A 14 0.77 -3.73 -0.82
C CYS A 14 0.21 -4.83 0.07
N THR A 15 -0.50 -5.77 -0.55
CA THR A 15 -1.09 -6.89 0.18
C THR A 15 -0.63 -8.23 -0.39
N PRO A 16 -0.63 -9.26 0.46
CA PRO A 16 -0.22 -10.62 0.06
C PRO A 16 -1.22 -11.27 -0.89
N ASP A 17 -2.43 -10.72 -0.93
CA ASP A 17 -3.48 -11.26 -1.79
C ASP A 17 -3.16 -11.00 -3.26
N GLY A 1 -2.93 -9.72 -3.62
CA GLY A 1 -2.27 -9.37 -4.85
C GLY A 1 -2.67 -8.00 -5.35
N ASP A 2 -2.64 -7.01 -4.46
CA ASP A 2 -3.01 -5.65 -4.82
C ASP A 2 -2.41 -4.65 -3.84
N CYS A 3 -2.27 -3.40 -4.28
CA CYS A 3 -1.71 -2.35 -3.43
C CYS A 3 -2.63 -1.14 -3.40
N TYR A 4 -2.32 -0.19 -2.52
CA TYR A 4 -3.13 1.02 -2.39
C TYR A 4 -2.25 2.22 -2.03
N TRP A 5 -2.71 3.41 -2.39
CA TRP A 5 -1.97 4.63 -2.10
C TRP A 5 -2.34 5.18 -0.73
N THR A 6 -1.36 5.78 -0.05
CA THR A 6 -1.59 6.34 1.27
C THR A 6 -0.76 7.60 1.48
N SER A 7 -1.22 8.48 2.36
CA SER A 7 -0.52 9.72 2.64
C SER A 7 0.68 9.47 3.55
N THR A 8 0.41 9.00 4.76
CA THR A 8 1.47 8.72 5.73
C THR A 8 2.32 7.55 5.28
N PRO A 9 3.59 7.53 5.72
CA PRO A 9 4.54 6.46 5.38
C PRO A 9 4.18 5.14 6.04
N PRO A 10 4.32 4.04 5.29
CA PRO A 10 4.78 4.09 3.90
C PRO A 10 3.76 4.72 2.97
N PHE A 11 4.24 5.53 2.03
CA PHE A 11 3.35 6.20 1.07
C PHE A 11 2.61 5.18 0.22
N PHE A 12 3.21 4.01 0.03
CA PHE A 12 2.61 2.96 -0.77
C PHE A 12 2.68 1.62 -0.04
N THR A 13 1.53 0.96 0.09
CA THR A 13 1.46 -0.32 0.76
C THR A 13 0.83 -1.38 -0.13
N CYS A 14 1.32 -2.62 -0.02
CA CYS A 14 0.81 -3.72 -0.82
C CYS A 14 0.24 -4.82 0.07
N THR A 15 -0.42 -5.79 -0.55
CA THR A 15 -1.02 -6.91 0.19
C THR A 15 -0.61 -8.24 -0.41
N PRO A 16 -0.60 -9.30 0.43
CA PRO A 16 -0.23 -10.64 0.00
C PRO A 16 -1.27 -11.27 -0.92
N ASP A 17 -2.47 -10.70 -0.92
CA ASP A 17 -3.56 -11.19 -1.75
C ASP A 17 -3.26 -10.96 -3.23
N GLY A 1 -2.85 -9.74 -3.62
CA GLY A 1 -2.17 -9.34 -4.84
C GLY A 1 -2.61 -7.97 -5.33
N ASP A 2 -2.63 -7.00 -4.42
CA ASP A 2 -3.05 -5.65 -4.77
C ASP A 2 -2.44 -4.63 -3.80
N CYS A 3 -2.30 -3.39 -4.26
CA CYS A 3 -1.74 -2.33 -3.43
C CYS A 3 -2.66 -1.11 -3.41
N TYR A 4 -2.34 -0.15 -2.56
CA TYR A 4 -3.14 1.07 -2.43
C TYR A 4 -2.26 2.25 -2.06
N TRP A 5 -2.71 3.45 -2.42
CA TRP A 5 -1.98 4.67 -2.12
C TRP A 5 -2.34 5.21 -0.75
N THR A 6 -1.36 5.79 -0.06
CA THR A 6 -1.58 6.34 1.27
C THR A 6 -0.74 7.60 1.48
N SER A 7 -1.22 8.47 2.37
CA SER A 7 -0.52 9.72 2.67
C SER A 7 0.69 9.46 3.57
N THR A 8 0.42 8.97 4.78
CA THR A 8 1.48 8.69 5.73
C THR A 8 2.34 7.51 5.28
N PRO A 9 3.60 7.49 5.72
CA PRO A 9 4.55 6.42 5.37
C PRO A 9 4.19 5.09 6.02
N PRO A 10 4.33 4.00 5.25
CA PRO A 10 4.80 4.06 3.87
C PRO A 10 3.77 4.70 2.94
N PHE A 11 4.25 5.52 2.01
CA PHE A 11 3.37 6.19 1.05
C PHE A 11 2.62 5.18 0.20
N PHE A 12 3.21 4.00 0.04
CA PHE A 12 2.59 2.94 -0.76
C PHE A 12 2.64 1.61 -0.03
N THR A 13 1.48 0.96 0.09
CA THR A 13 1.39 -0.32 0.77
C THR A 13 0.78 -1.39 -0.14
N CYS A 14 1.26 -2.62 -0.01
CA CYS A 14 0.77 -3.73 -0.82
C CYS A 14 0.21 -4.84 0.07
N THR A 15 -0.52 -5.76 -0.55
CA THR A 15 -1.11 -6.88 0.19
C THR A 15 -0.64 -8.22 -0.38
N PRO A 16 -0.64 -9.25 0.47
CA PRO A 16 -0.21 -10.59 0.08
C PRO A 16 -1.21 -11.25 -0.87
N ASP A 17 -2.42 -10.72 -0.93
CA ASP A 17 -3.46 -11.26 -1.80
C ASP A 17 -3.13 -10.99 -3.27
N GLY A 1 -2.84 -9.74 -3.63
CA GLY A 1 -2.16 -9.33 -4.84
C GLY A 1 -2.61 -7.96 -5.32
N ASP A 2 -2.64 -6.99 -4.42
CA ASP A 2 -3.06 -5.64 -4.76
C ASP A 2 -2.45 -4.63 -3.80
N CYS A 3 -2.32 -3.39 -4.26
CA CYS A 3 -1.75 -2.33 -3.44
C CYS A 3 -2.67 -1.11 -3.42
N TYR A 4 -2.34 -0.14 -2.56
CA TYR A 4 -3.13 1.07 -2.45
C TYR A 4 -2.26 2.27 -2.07
N TRP A 5 -2.72 3.46 -2.43
CA TRP A 5 -1.97 4.68 -2.13
C TRP A 5 -2.33 5.22 -0.75
N THR A 6 -1.35 5.79 -0.07
CA THR A 6 -1.57 6.35 1.26
C THR A 6 -0.73 7.60 1.48
N SER A 7 -1.21 8.47 2.36
CA SER A 7 -0.50 9.71 2.67
C SER A 7 0.70 9.46 3.56
N THR A 8 0.43 8.97 4.77
CA THR A 8 1.49 8.68 5.74
C THR A 8 2.34 7.50 5.28
N PRO A 9 3.61 7.49 5.72
CA PRO A 9 4.55 6.41 5.37
C PRO A 9 4.20 5.09 6.02
N PRO A 10 4.33 4.00 5.26
CA PRO A 10 4.79 4.06 3.87
C PRO A 10 3.77 4.70 2.94
N PHE A 11 4.25 5.52 2.01
CA PHE A 11 3.37 6.19 1.06
C PHE A 11 2.62 5.18 0.20
N PHE A 12 3.20 3.99 0.04
CA PHE A 12 2.59 2.94 -0.76
C PHE A 12 2.63 1.60 -0.03
N THR A 13 1.48 0.96 0.09
CA THR A 13 1.38 -0.32 0.77
C THR A 13 0.77 -1.38 -0.13
N CYS A 14 1.25 -2.62 -0.01
CA CYS A 14 0.75 -3.72 -0.81
C CYS A 14 0.20 -4.84 0.07
N THR A 15 -0.53 -5.77 -0.54
CA THR A 15 -1.11 -6.88 0.19
C THR A 15 -0.64 -8.22 -0.38
N PRO A 16 -0.63 -9.25 0.48
CA PRO A 16 -0.21 -10.59 0.08
C PRO A 16 -1.19 -11.27 -0.87
N ASP A 17 -2.41 -10.72 -0.93
CA ASP A 17 -3.44 -11.27 -1.80
C ASP A 17 -3.11 -11.00 -3.27
N GLY A 1 -2.88 -9.75 -3.60
CA GLY A 1 -2.21 -9.34 -4.83
C GLY A 1 -2.67 -7.99 -5.31
N ASP A 2 -2.62 -7.00 -4.43
CA ASP A 2 -3.04 -5.64 -4.77
C ASP A 2 -2.43 -4.63 -3.81
N CYS A 3 -2.29 -3.39 -4.26
CA CYS A 3 -1.73 -2.33 -3.44
C CYS A 3 -2.66 -1.11 -3.41
N TYR A 4 -2.33 -0.15 -2.55
CA TYR A 4 -3.13 1.07 -2.44
C TYR A 4 -2.25 2.26 -2.06
N TRP A 5 -2.71 3.45 -2.43
CA TRP A 5 -1.97 4.68 -2.13
C TRP A 5 -2.33 5.22 -0.75
N THR A 6 -1.35 5.79 -0.07
CA THR A 6 -1.58 6.35 1.27
C THR A 6 -0.74 7.61 1.49
N SER A 7 -1.22 8.47 2.37
CA SER A 7 -0.52 9.72 2.67
C SER A 7 0.69 9.47 3.57
N THR A 8 0.42 8.97 4.78
CA THR A 8 1.47 8.70 5.74
C THR A 8 2.32 7.51 5.28
N PRO A 9 3.59 7.50 5.72
CA PRO A 9 4.54 6.43 5.38
C PRO A 9 4.18 5.10 6.02
N PRO A 10 4.33 4.01 5.26
CA PRO A 10 4.79 4.06 3.87
C PRO A 10 3.76 4.70 2.94
N PHE A 11 4.25 5.53 2.01
CA PHE A 11 3.37 6.19 1.06
C PHE A 11 2.62 5.19 0.20
N PHE A 12 3.20 4.00 0.04
CA PHE A 12 2.59 2.95 -0.75
C PHE A 12 2.64 1.61 -0.02
N THR A 13 1.49 0.96 0.09
CA THR A 13 1.39 -0.32 0.77
C THR A 13 0.79 -1.39 -0.15
N CYS A 14 1.27 -2.62 -0.02
CA CYS A 14 0.78 -3.73 -0.83
C CYS A 14 0.22 -4.84 0.06
N THR A 15 -0.50 -5.77 -0.56
CA THR A 15 -1.09 -6.89 0.17
C THR A 15 -0.63 -8.22 -0.40
N PRO A 16 -0.61 -9.26 0.45
CA PRO A 16 -0.20 -10.61 0.05
C PRO A 16 -1.20 -11.27 -0.90
N ASP A 17 -2.42 -10.75 -0.91
CA ASP A 17 -3.47 -11.28 -1.78
C ASP A 17 -3.16 -11.01 -3.25
N GLY A 1 -2.86 -9.74 -3.62
CA GLY A 1 -2.19 -9.34 -4.84
C GLY A 1 -2.65 -7.97 -5.32
N ASP A 2 -2.62 -6.99 -4.43
CA ASP A 2 -3.05 -5.64 -4.77
C ASP A 2 -2.44 -4.63 -3.80
N CYS A 3 -2.30 -3.38 -4.26
CA CYS A 3 -1.74 -2.32 -3.44
C CYS A 3 -2.66 -1.11 -3.41
N TYR A 4 -2.34 -0.14 -2.56
CA TYR A 4 -3.13 1.08 -2.44
C TYR A 4 -2.26 2.27 -2.07
N TRP A 5 -2.71 3.46 -2.43
CA TRP A 5 -1.97 4.68 -2.13
C TRP A 5 -2.33 5.22 -0.75
N THR A 6 -1.35 5.80 -0.07
CA THR A 6 -1.57 6.35 1.26
C THR A 6 -0.75 7.61 1.48
N SER A 7 -1.22 8.47 2.37
CA SER A 7 -0.51 9.72 2.66
C SER A 7 0.69 9.47 3.57
N THR A 8 0.42 8.97 4.78
CA THR A 8 1.48 8.69 5.73
C THR A 8 2.34 7.51 5.28
N PRO A 9 3.61 7.49 5.72
CA PRO A 9 4.55 6.42 5.37
C PRO A 9 4.18 5.09 6.02
N PRO A 10 4.33 4.00 5.26
CA PRO A 10 4.79 4.06 3.87
C PRO A 10 3.76 4.70 2.94
N PHE A 11 4.25 5.52 2.01
CA PHE A 11 3.37 6.19 1.06
C PHE A 11 2.62 5.18 0.20
N PHE A 12 3.20 4.00 0.04
CA PHE A 12 2.59 2.94 -0.76
C PHE A 12 2.63 1.61 -0.02
N THR A 13 1.48 0.96 0.09
CA THR A 13 1.38 -0.32 0.77
C THR A 13 0.78 -1.39 -0.14
N CYS A 14 1.25 -2.62 -0.01
CA CYS A 14 0.76 -3.73 -0.82
C CYS A 14 0.20 -4.84 0.07
N THR A 15 -0.52 -5.77 -0.55
CA THR A 15 -1.11 -6.89 0.18
C THR A 15 -0.63 -8.22 -0.39
N PRO A 16 -0.63 -9.25 0.46
CA PRO A 16 -0.20 -10.60 0.07
C PRO A 16 -1.20 -11.26 -0.88
N ASP A 17 -2.42 -10.73 -0.92
CA ASP A 17 -3.45 -11.28 -1.79
C ASP A 17 -3.13 -11.01 -3.26
N GLY A 1 -2.85 -9.74 -3.62
CA GLY A 1 -2.17 -9.33 -4.84
C GLY A 1 -2.62 -7.97 -5.32
N ASP A 2 -2.63 -6.99 -4.42
CA ASP A 2 -3.04 -5.64 -4.76
C ASP A 2 -2.45 -4.63 -3.80
N CYS A 3 -2.30 -3.39 -4.26
CA CYS A 3 -1.74 -2.32 -3.44
C CYS A 3 -2.66 -1.11 -3.42
N TYR A 4 -2.34 -0.14 -2.57
CA TYR A 4 -3.14 1.07 -2.46
C TYR A 4 -2.26 2.27 -2.08
N TRP A 5 -2.72 3.46 -2.43
CA TRP A 5 -1.97 4.68 -2.13
C TRP A 5 -2.33 5.22 -0.75
N THR A 6 -1.36 5.79 -0.06
CA THR A 6 -1.58 6.34 1.27
C THR A 6 -0.74 7.60 1.48
N SER A 7 -1.21 8.47 2.38
CA SER A 7 -0.51 9.71 2.67
C SER A 7 0.69 9.46 3.58
N THR A 8 0.42 8.96 4.78
CA THR A 8 1.48 8.67 5.74
C THR A 8 2.34 7.50 5.28
N PRO A 9 3.60 7.48 5.72
CA PRO A 9 4.55 6.41 5.37
C PRO A 9 4.19 5.08 6.01
N PRO A 10 4.33 4.00 5.25
CA PRO A 10 4.80 4.06 3.86
C PRO A 10 3.77 4.69 2.94
N PHE A 11 4.25 5.52 2.01
CA PHE A 11 3.37 6.19 1.05
C PHE A 11 2.62 5.18 0.20
N PHE A 12 3.20 4.00 0.04
CA PHE A 12 2.59 2.94 -0.76
C PHE A 12 2.63 1.61 -0.02
N THR A 13 1.48 0.96 0.09
CA THR A 13 1.38 -0.32 0.77
C THR A 13 0.77 -1.38 -0.13
N CYS A 14 1.25 -2.62 -0.01
CA CYS A 14 0.76 -3.72 -0.81
C CYS A 14 0.20 -4.84 0.07
N THR A 15 -0.53 -5.76 -0.55
CA THR A 15 -1.12 -6.88 0.18
C THR A 15 -0.64 -8.21 -0.38
N PRO A 16 -0.64 -9.25 0.47
CA PRO A 16 -0.21 -10.59 0.08
C PRO A 16 -1.19 -11.27 -0.87
N ASP A 17 -2.41 -10.73 -0.93
CA ASP A 17 -3.44 -11.27 -1.80
C ASP A 17 -3.12 -11.00 -3.26
N GLY A 1 -2.87 -9.74 -3.61
CA GLY A 1 -2.19 -9.34 -4.84
C GLY A 1 -2.65 -7.97 -5.32
N ASP A 2 -2.63 -6.99 -4.42
CA ASP A 2 -3.05 -5.64 -4.77
C ASP A 2 -2.45 -4.63 -3.80
N CYS A 3 -2.30 -3.38 -4.26
CA CYS A 3 -1.74 -2.33 -3.43
C CYS A 3 -2.66 -1.11 -3.41
N TYR A 4 -2.34 -0.14 -2.56
CA TYR A 4 -3.13 1.07 -2.44
C TYR A 4 -2.25 2.26 -2.06
N TRP A 5 -2.70 3.46 -2.43
CA TRP A 5 -1.97 4.67 -2.13
C TRP A 5 -2.33 5.22 -0.75
N THR A 6 -1.35 5.79 -0.07
CA THR A 6 -1.57 6.35 1.26
C THR A 6 -0.74 7.61 1.47
N SER A 7 -1.21 8.47 2.36
CA SER A 7 -0.51 9.72 2.66
C SER A 7 0.70 9.47 3.57
N THR A 8 0.43 8.97 4.77
CA THR A 8 1.47 8.70 5.74
C THR A 8 2.33 7.52 5.27
N PRO A 9 3.60 7.50 5.72
CA PRO A 9 4.54 6.42 5.37
C PRO A 9 4.19 5.10 6.03
N PRO A 10 4.33 4.01 5.26
CA PRO A 10 4.79 4.06 3.87
C PRO A 10 3.76 4.70 2.94
N PHE A 11 4.25 5.52 2.01
CA PHE A 11 3.37 6.19 1.06
C PHE A 11 2.62 5.18 0.20
N PHE A 12 3.20 4.00 0.04
CA PHE A 12 2.59 2.95 -0.75
C PHE A 12 2.64 1.61 -0.02
N THR A 13 1.48 0.95 0.09
CA THR A 13 1.39 -0.33 0.76
C THR A 13 0.78 -1.39 -0.14
N CYS A 14 1.26 -2.62 -0.01
CA CYS A 14 0.77 -3.73 -0.82
C CYS A 14 0.21 -4.84 0.06
N THR A 15 -0.51 -5.77 -0.55
CA THR A 15 -1.10 -6.89 0.17
C THR A 15 -0.63 -8.23 -0.39
N PRO A 16 -0.62 -9.26 0.45
CA PRO A 16 -0.20 -10.61 0.06
C PRO A 16 -1.20 -11.27 -0.89
N ASP A 17 -2.42 -10.73 -0.92
CA ASP A 17 -3.46 -11.27 -1.79
C ASP A 17 -3.14 -11.00 -3.26
N GLY A 1 -2.88 -9.74 -3.62
CA GLY A 1 -2.20 -9.34 -4.83
C GLY A 1 -2.64 -7.98 -5.32
N ASP A 2 -2.63 -7.00 -4.42
CA ASP A 2 -3.04 -5.65 -4.78
C ASP A 2 -2.43 -4.63 -3.81
N CYS A 3 -2.29 -3.39 -4.26
CA CYS A 3 -1.74 -2.33 -3.43
C CYS A 3 -2.65 -1.11 -3.41
N TYR A 4 -2.33 -0.16 -2.55
CA TYR A 4 -3.13 1.06 -2.43
C TYR A 4 -2.26 2.25 -2.06
N TRP A 5 -2.71 3.45 -2.42
CA TRP A 5 -1.98 4.67 -2.12
C TRP A 5 -2.34 5.21 -0.75
N THR A 6 -1.36 5.79 -0.06
CA THR A 6 -1.58 6.35 1.27
C THR A 6 -0.74 7.60 1.48
N SER A 7 -1.22 8.47 2.37
CA SER A 7 -0.51 9.72 2.66
C SER A 7 0.69 9.47 3.57
N THR A 8 0.42 8.99 4.77
CA THR A 8 1.47 8.70 5.74
C THR A 8 2.33 7.52 5.27
N PRO A 9 3.60 7.50 5.72
CA PRO A 9 4.55 6.43 5.37
C PRO A 9 4.18 5.11 6.03
N PRO A 10 4.33 4.01 5.26
CA PRO A 10 4.80 4.06 3.87
C PRO A 10 3.76 4.71 2.95
N PHE A 11 4.25 5.53 2.01
CA PHE A 11 3.37 6.20 1.06
C PHE A 11 2.62 5.19 0.20
N PHE A 12 3.20 4.00 0.04
CA PHE A 12 2.59 2.95 -0.75
C PHE A 12 2.64 1.61 -0.02
N THR A 13 1.49 0.95 0.08
CA THR A 13 1.40 -0.33 0.77
C THR A 13 0.79 -1.39 -0.14
N CYS A 14 1.28 -2.62 -0.01
CA CYS A 14 0.77 -3.73 -0.82
C CYS A 14 0.21 -4.84 0.07
N THR A 15 -0.50 -5.77 -0.55
CA THR A 15 -1.08 -6.89 0.18
C THR A 15 -0.64 -8.22 -0.40
N PRO A 16 -0.62 -9.26 0.45
CA PRO A 16 -0.21 -10.62 0.05
C PRO A 16 -1.22 -11.27 -0.89
N ASP A 17 -2.43 -10.73 -0.93
CA ASP A 17 -3.48 -11.26 -1.79
C ASP A 17 -3.16 -11.00 -3.26
N GLY A 1 -2.96 -9.77 -3.56
CA GLY A 1 -2.32 -9.38 -4.80
C GLY A 1 -2.76 -8.02 -5.30
N ASP A 2 -2.59 -7.00 -4.46
CA ASP A 2 -2.98 -5.64 -4.81
C ASP A 2 -2.39 -4.63 -3.84
N CYS A 3 -2.25 -3.39 -4.28
CA CYS A 3 -1.70 -2.34 -3.45
C CYS A 3 -2.61 -1.12 -3.42
N TYR A 4 -2.31 -0.16 -2.56
CA TYR A 4 -3.11 1.05 -2.43
C TYR A 4 -2.24 2.24 -2.06
N TRP A 5 -2.70 3.44 -2.42
CA TRP A 5 -1.96 4.67 -2.12
C TRP A 5 -2.34 5.20 -0.74
N THR A 6 -1.36 5.79 -0.06
CA THR A 6 -1.59 6.34 1.27
C THR A 6 -0.75 7.60 1.49
N SER A 7 -1.24 8.47 2.37
CA SER A 7 -0.54 9.72 2.67
C SER A 7 0.66 9.47 3.57
N THR A 8 0.40 8.98 4.78
CA THR A 8 1.45 8.70 5.74
C THR A 8 2.32 7.53 5.29
N PRO A 9 3.58 7.52 5.73
CA PRO A 9 4.53 6.45 5.37
C PRO A 9 4.18 5.12 6.03
N PRO A 10 4.33 4.03 5.27
CA PRO A 10 4.80 4.09 3.88
C PRO A 10 3.76 4.73 2.95
N PHE A 11 4.24 5.54 2.02
CA PHE A 11 3.36 6.21 1.06
C PHE A 11 2.62 5.20 0.20
N PHE A 12 3.21 4.02 0.04
CA PHE A 12 2.60 2.97 -0.75
C PHE A 12 2.67 1.63 -0.02
N THR A 13 1.51 0.97 0.09
CA THR A 13 1.43 -0.31 0.77
C THR A 13 0.82 -1.38 -0.14
N CYS A 14 1.31 -2.61 -0.01
CA CYS A 14 0.81 -3.72 -0.82
C CYS A 14 0.24 -4.82 0.06
N THR A 15 -0.43 -5.79 -0.56
CA THR A 15 -1.02 -6.90 0.17
C THR A 15 -0.60 -8.23 -0.44
N PRO A 16 -0.59 -9.29 0.40
CA PRO A 16 -0.21 -10.63 -0.03
C PRO A 16 -1.24 -11.26 -0.96
N ASP A 17 -2.47 -10.76 -0.89
CA ASP A 17 -3.56 -11.27 -1.72
C ASP A 17 -3.28 -11.01 -3.20
N GLY A 1 -2.90 -9.76 -3.60
CA GLY A 1 -2.23 -9.35 -4.82
C GLY A 1 -2.68 -8.00 -5.31
N ASP A 2 -2.62 -7.00 -4.43
CA ASP A 2 -3.02 -5.65 -4.78
C ASP A 2 -2.42 -4.63 -3.80
N CYS A 3 -2.29 -3.39 -4.27
CA CYS A 3 -1.72 -2.32 -3.44
C CYS A 3 -2.65 -1.11 -3.42
N TYR A 4 -2.32 -0.15 -2.56
CA TYR A 4 -3.13 1.07 -2.44
C TYR A 4 -2.25 2.26 -2.06
N TRP A 5 -2.71 3.45 -2.43
CA TRP A 5 -1.97 4.67 -2.13
C TRP A 5 -2.33 5.21 -0.75
N THR A 6 -1.36 5.79 -0.06
CA THR A 6 -1.58 6.34 1.27
C THR A 6 -0.74 7.60 1.48
N SER A 7 -1.22 8.47 2.37
CA SER A 7 -0.52 9.72 2.67
C SER A 7 0.68 9.47 3.58
N THR A 8 0.41 8.97 4.78
CA THR A 8 1.47 8.68 5.74
C THR A 8 2.32 7.51 5.28
N PRO A 9 3.59 7.50 5.72
CA PRO A 9 4.54 6.43 5.38
C PRO A 9 4.18 5.10 6.02
N PRO A 10 4.33 4.01 5.26
CA PRO A 10 4.80 4.07 3.87
C PRO A 10 3.76 4.71 2.95
N PHE A 11 4.25 5.53 2.01
CA PHE A 11 3.37 6.20 1.06
C PHE A 11 2.62 5.19 0.20
N PHE A 12 3.21 4.01 0.04
CA PHE A 12 2.60 2.95 -0.76
C PHE A 12 2.64 1.62 -0.02
N THR A 13 1.49 0.96 0.09
CA THR A 13 1.40 -0.32 0.77
C THR A 13 0.80 -1.38 -0.14
N CYS A 14 1.28 -2.62 -0.01
CA CYS A 14 0.78 -3.72 -0.82
C CYS A 14 0.23 -4.84 0.06
N THR A 15 -0.49 -5.77 -0.56
CA THR A 15 -1.08 -6.89 0.17
C THR A 15 -0.63 -8.22 -0.40
N PRO A 16 -0.62 -9.26 0.44
CA PRO A 16 -0.21 -10.61 0.02
C PRO A 16 -1.21 -11.26 -0.92
N ASP A 17 -2.44 -10.75 -0.91
CA ASP A 17 -3.49 -11.28 -1.76
C ASP A 17 -3.18 -11.01 -3.23
N GLY A 1 -2.84 -9.74 -3.63
CA GLY A 1 -2.16 -9.33 -4.83
C GLY A 1 -2.61 -7.96 -5.32
N ASP A 2 -2.64 -6.99 -4.42
CA ASP A 2 -3.06 -5.64 -4.75
C ASP A 2 -2.45 -4.63 -3.80
N CYS A 3 -2.32 -3.39 -4.26
CA CYS A 3 -1.75 -2.33 -3.44
C CYS A 3 -2.67 -1.11 -3.42
N TYR A 4 -2.34 -0.14 -2.57
CA TYR A 4 -3.14 1.07 -2.46
C TYR A 4 -2.26 2.27 -2.08
N TRP A 5 -2.72 3.46 -2.43
CA TRP A 5 -1.97 4.68 -2.13
C TRP A 5 -2.33 5.22 -0.75
N THR A 6 -1.35 5.79 -0.07
CA THR A 6 -1.57 6.34 1.26
C THR A 6 -0.74 7.60 1.48
N SER A 7 -1.21 8.47 2.38
CA SER A 7 -0.51 9.71 2.67
C SER A 7 0.69 9.46 3.58
N THR A 8 0.42 8.96 4.77
CA THR A 8 1.48 8.67 5.74
C THR A 8 2.34 7.50 5.28
N PRO A 9 3.60 7.48 5.72
CA PRO A 9 4.55 6.41 5.37
C PRO A 9 4.20 5.08 6.02
N PRO A 10 4.33 3.99 5.25
CA PRO A 10 4.79 4.06 3.87
C PRO A 10 3.77 4.69 2.94
N PHE A 11 4.25 5.52 2.01
CA PHE A 11 3.37 6.19 1.06
C PHE A 11 2.62 5.18 0.20
N PHE A 12 3.20 3.99 0.04
CA PHE A 12 2.59 2.94 -0.76
C PHE A 12 2.63 1.61 -0.03
N THR A 13 1.48 0.97 0.08
CA THR A 13 1.38 -0.32 0.77
C THR A 13 0.78 -1.38 -0.14
N CYS A 14 1.25 -2.62 -0.01
CA CYS A 14 0.76 -3.73 -0.82
C CYS A 14 0.20 -4.84 0.07
N THR A 15 -0.54 -5.75 -0.54
CA THR A 15 -1.13 -6.87 0.19
C THR A 15 -0.65 -8.21 -0.38
N PRO A 16 -0.64 -9.24 0.47
CA PRO A 16 -0.21 -10.58 0.08
C PRO A 16 -1.19 -11.26 -0.87
N ASP A 17 -2.41 -10.72 -0.93
CA ASP A 17 -3.44 -11.27 -1.80
C ASP A 17 -3.11 -11.00 -3.26
N GLY A 1 -2.87 -9.74 -3.62
CA GLY A 1 -2.20 -9.34 -4.85
C GLY A 1 -2.65 -7.98 -5.33
N ASP A 2 -2.64 -7.00 -4.43
CA ASP A 2 -3.04 -5.64 -4.77
C ASP A 2 -2.44 -4.63 -3.80
N CYS A 3 -2.30 -3.39 -4.26
CA CYS A 3 -1.74 -2.33 -3.43
C CYS A 3 -2.66 -1.11 -3.40
N TYR A 4 -2.34 -0.15 -2.55
CA TYR A 4 -3.13 1.06 -2.43
C TYR A 4 -2.26 2.25 -2.06
N TRP A 5 -2.71 3.45 -2.42
CA TRP A 5 -1.98 4.67 -2.12
C TRP A 5 -2.34 5.21 -0.75
N THR A 6 -1.36 5.79 -0.06
CA THR A 6 -1.58 6.35 1.27
C THR A 6 -0.75 7.61 1.48
N SER A 7 -1.21 8.49 2.36
CA SER A 7 -0.51 9.73 2.66
C SER A 7 0.69 9.47 3.56
N THR A 8 0.42 8.99 4.77
CA THR A 8 1.48 8.70 5.73
C THR A 8 2.33 7.52 5.27
N PRO A 9 3.60 7.50 5.72
CA PRO A 9 4.55 6.43 5.37
C PRO A 9 4.18 5.11 6.03
N PRO A 10 4.33 4.01 5.26
CA PRO A 10 4.79 4.06 3.87
C PRO A 10 3.76 4.71 2.95
N PHE A 11 4.25 5.53 2.01
CA PHE A 11 3.37 6.19 1.06
C PHE A 11 2.62 5.18 0.20
N PHE A 12 3.20 4.00 0.04
CA PHE A 12 2.59 2.95 -0.75
C PHE A 12 2.64 1.61 -0.02
N THR A 13 1.49 0.95 0.08
CA THR A 13 1.39 -0.33 0.77
C THR A 13 0.78 -1.39 -0.13
N CYS A 14 1.27 -2.62 0.00
CA CYS A 14 0.77 -3.73 -0.82
C CYS A 14 0.20 -4.84 0.07
N THR A 15 -0.50 -5.78 -0.55
CA THR A 15 -1.08 -6.90 0.17
C THR A 15 -0.63 -8.24 -0.39
N PRO A 16 -0.62 -9.27 0.45
CA PRO A 16 -0.21 -10.62 0.06
C PRO A 16 -1.21 -11.28 -0.89
N ASP A 17 -2.42 -10.73 -0.93
CA ASP A 17 -3.48 -11.26 -1.79
C ASP A 17 -3.15 -11.00 -3.26
N GLY A 1 -2.83 -9.74 -3.62
CA GLY A 1 -2.15 -9.33 -4.84
C GLY A 1 -2.61 -7.96 -5.32
N ASP A 2 -2.64 -6.99 -4.42
CA ASP A 2 -3.06 -5.64 -4.75
C ASP A 2 -2.45 -4.63 -3.80
N CYS A 3 -2.32 -3.39 -4.26
CA CYS A 3 -1.75 -2.33 -3.44
C CYS A 3 -2.67 -1.11 -3.42
N TYR A 4 -2.34 -0.14 -2.57
CA TYR A 4 -3.14 1.08 -2.45
C TYR A 4 -2.26 2.27 -2.08
N TRP A 5 -2.71 3.46 -2.43
CA TRP A 5 -1.97 4.68 -2.13
C TRP A 5 -2.33 5.22 -0.75
N THR A 6 -1.35 5.79 -0.07
CA THR A 6 -1.57 6.34 1.26
C THR A 6 -0.74 7.60 1.48
N SER A 7 -1.21 8.47 2.38
CA SER A 7 -0.51 9.71 2.67
C SER A 7 0.69 9.46 3.58
N THR A 8 0.42 8.96 4.78
CA THR A 8 1.49 8.67 5.74
C THR A 8 2.34 7.50 5.28
N PRO A 9 3.60 7.48 5.72
CA PRO A 9 4.55 6.41 5.37
C PRO A 9 4.19 5.08 6.01
N PRO A 10 4.33 3.99 5.25
CA PRO A 10 4.80 4.06 3.86
C PRO A 10 3.77 4.69 2.94
N PHE A 11 4.25 5.52 2.01
CA PHE A 11 3.37 6.19 1.06
C PHE A 11 2.62 5.18 0.20
N PHE A 12 3.20 3.99 0.04
CA PHE A 12 2.59 2.94 -0.76
C PHE A 12 2.63 1.61 -0.02
N THR A 13 1.47 0.96 0.09
CA THR A 13 1.37 -0.32 0.78
C THR A 13 0.77 -1.38 -0.13
N CYS A 14 1.25 -2.62 0.00
CA CYS A 14 0.75 -3.73 -0.81
C CYS A 14 0.20 -4.84 0.07
N THR A 15 -0.54 -5.76 -0.55
CA THR A 15 -1.13 -6.88 0.18
C THR A 15 -0.65 -8.21 -0.38
N PRO A 16 -0.65 -9.25 0.47
CA PRO A 16 -0.21 -10.59 0.09
C PRO A 16 -1.19 -11.26 -0.87
N ASP A 17 -2.41 -10.72 -0.93
CA ASP A 17 -3.44 -11.28 -1.81
C ASP A 17 -3.10 -11.00 -3.27
N GLY A 1 -2.90 -9.76 -3.60
CA GLY A 1 -2.24 -9.35 -4.82
C GLY A 1 -2.70 -8.00 -5.31
N ASP A 2 -2.62 -7.00 -4.43
CA ASP A 2 -3.02 -5.64 -4.77
C ASP A 2 -2.42 -4.63 -3.80
N CYS A 3 -2.29 -3.39 -4.27
CA CYS A 3 -1.73 -2.33 -3.44
C CYS A 3 -2.65 -1.11 -3.42
N TYR A 4 -2.32 -0.15 -2.56
CA TYR A 4 -3.12 1.07 -2.44
C TYR A 4 -2.25 2.26 -2.06
N TRP A 5 -2.71 3.45 -2.43
CA TRP A 5 -1.97 4.67 -2.13
C TRP A 5 -2.33 5.21 -0.75
N THR A 6 -1.35 5.79 -0.07
CA THR A 6 -1.58 6.35 1.27
C THR A 6 -0.74 7.61 1.49
N SER A 7 -1.22 8.47 2.37
CA SER A 7 -0.52 9.72 2.67
C SER A 7 0.68 9.47 3.58
N THR A 8 0.41 8.98 4.77
CA THR A 8 1.47 8.68 5.74
C THR A 8 2.32 7.51 5.28
N PRO A 9 3.59 7.50 5.72
CA PRO A 9 4.54 6.43 5.38
C PRO A 9 4.19 5.10 6.03
N PRO A 10 4.33 4.01 5.26
CA PRO A 10 4.79 4.07 3.88
C PRO A 10 3.76 4.71 2.95
N PHE A 11 4.25 5.53 2.01
CA PHE A 11 3.37 6.20 1.06
C PHE A 11 2.62 5.19 0.20
N PHE A 12 3.21 4.01 0.04
CA PHE A 12 2.60 2.95 -0.76
C PHE A 12 2.64 1.62 -0.02
N THR A 13 1.49 0.96 0.09
CA THR A 13 1.40 -0.32 0.77
C THR A 13 0.79 -1.38 -0.14
N CYS A 14 1.28 -2.62 -0.01
CA CYS A 14 0.78 -3.72 -0.82
C CYS A 14 0.23 -4.84 0.06
N THR A 15 -0.49 -5.77 -0.56
CA THR A 15 -1.08 -6.89 0.17
C THR A 15 -0.62 -8.22 -0.41
N PRO A 16 -0.61 -9.26 0.44
CA PRO A 16 -0.21 -10.61 0.02
C PRO A 16 -1.21 -11.26 -0.92
N ASP A 17 -2.43 -10.75 -0.91
CA ASP A 17 -3.49 -11.29 -1.77
C ASP A 17 -3.18 -11.02 -3.24
N GLY A 1 -2.96 -9.76 -3.58
CA GLY A 1 -2.29 -9.38 -4.81
C GLY A 1 -2.73 -8.01 -5.31
N ASP A 2 -2.60 -7.01 -4.45
CA ASP A 2 -2.99 -5.64 -4.81
C ASP A 2 -2.39 -4.63 -3.82
N CYS A 3 -2.25 -3.39 -4.27
CA CYS A 3 -1.70 -2.34 -3.45
C CYS A 3 -2.62 -1.12 -3.42
N TYR A 4 -2.31 -0.16 -2.55
CA TYR A 4 -3.11 1.05 -2.42
C TYR A 4 -2.24 2.24 -2.05
N TRP A 5 -2.70 3.43 -2.41
CA TRP A 5 -1.97 4.66 -2.12
C TRP A 5 -2.34 5.20 -0.74
N THR A 6 -1.37 5.79 -0.06
CA THR A 6 -1.59 6.34 1.27
C THR A 6 -0.75 7.60 1.49
N SER A 7 -1.23 8.47 2.37
CA SER A 7 -0.53 9.72 2.66
C SER A 7 0.67 9.47 3.57
N THR A 8 0.41 8.99 4.78
CA THR A 8 1.46 8.71 5.74
C THR A 8 2.32 7.53 5.29
N PRO A 9 3.58 7.52 5.73
CA PRO A 9 4.53 6.45 5.37
C PRO A 9 4.18 5.12 6.03
N PRO A 10 4.33 4.03 5.27
CA PRO A 10 4.79 4.09 3.88
C PRO A 10 3.76 4.73 2.95
N PHE A 11 4.24 5.54 2.02
CA PHE A 11 3.36 6.21 1.06
C PHE A 11 2.61 5.19 0.21
N PHE A 12 3.21 4.02 0.04
CA PHE A 12 2.60 2.96 -0.76
C PHE A 12 2.67 1.62 -0.02
N THR A 13 1.51 0.96 0.08
CA THR A 13 1.43 -0.32 0.76
C THR A 13 0.82 -1.38 -0.14
N CYS A 14 1.32 -2.62 -0.02
CA CYS A 14 0.81 -3.72 -0.83
C CYS A 14 0.25 -4.83 0.05
N THR A 15 -0.44 -5.78 -0.56
CA THR A 15 -1.03 -6.90 0.17
C THR A 15 -0.61 -8.24 -0.43
N PRO A 16 -0.60 -9.28 0.41
CA PRO A 16 -0.22 -10.63 -0.02
C PRO A 16 -1.25 -11.26 -0.94
N ASP A 17 -2.48 -10.75 -0.89
CA ASP A 17 -3.56 -11.26 -1.73
C ASP A 17 -3.26 -11.01 -3.21
N GLY A 1 -2.94 -9.72 -3.62
CA GLY A 1 -2.27 -9.38 -4.86
C GLY A 1 -2.66 -8.00 -5.37
N ASP A 2 -2.65 -7.02 -4.47
CA ASP A 2 -3.00 -5.65 -4.84
C ASP A 2 -2.41 -4.66 -3.84
N CYS A 3 -2.28 -3.41 -4.28
CA CYS A 3 -1.72 -2.36 -3.43
C CYS A 3 -2.65 -1.15 -3.39
N TYR A 4 -2.32 -0.20 -2.50
CA TYR A 4 -3.13 1.00 -2.37
C TYR A 4 -2.25 2.21 -2.01
N TRP A 5 -2.71 3.39 -2.37
CA TRP A 5 -1.98 4.62 -2.09
C TRP A 5 -2.35 5.18 -0.72
N THR A 6 -1.37 5.77 -0.05
CA THR A 6 -1.59 6.35 1.27
C THR A 6 -0.75 7.60 1.48
N SER A 7 -1.22 8.49 2.36
CA SER A 7 -0.52 9.74 2.63
C SER A 7 0.68 9.49 3.54
N THR A 8 0.41 9.01 4.75
CA THR A 8 1.47 8.74 5.72
C THR A 8 2.32 7.56 5.28
N PRO A 9 3.58 7.54 5.72
CA PRO A 9 4.54 6.47 5.38
C PRO A 9 4.17 5.15 6.06
N PRO A 10 4.31 4.05 5.31
CA PRO A 10 4.78 4.09 3.91
C PRO A 10 3.74 4.72 2.98
N PHE A 11 4.23 5.53 2.04
CA PHE A 11 3.35 6.20 1.08
C PHE A 11 2.60 5.17 0.23
N PHE A 12 3.22 4.02 0.01
CA PHE A 12 2.61 2.96 -0.78
C PHE A 12 2.69 1.61 -0.05
N THR A 13 1.54 0.95 0.08
CA THR A 13 1.49 -0.33 0.75
C THR A 13 0.85 -1.40 -0.14
N CYS A 14 1.34 -2.63 -0.04
CA CYS A 14 0.82 -3.73 -0.83
C CYS A 14 0.25 -4.83 0.06
N THR A 15 -0.42 -5.80 -0.56
CA THR A 15 -1.01 -6.91 0.19
C THR A 15 -0.61 -8.24 -0.42
N PRO A 16 -0.59 -9.29 0.41
CA PRO A 16 -0.23 -10.65 -0.01
C PRO A 16 -1.29 -11.27 -0.92
N ASP A 17 -2.48 -10.68 -0.92
CA ASP A 17 -3.58 -11.17 -1.75
C ASP A 17 -3.28 -10.95 -3.23
N GLY A 1 -2.87 -9.76 -3.61
CA GLY A 1 -2.20 -9.34 -4.83
C GLY A 1 -2.67 -7.98 -5.32
N ASP A 2 -2.63 -6.99 -4.42
CA ASP A 2 -3.06 -5.64 -4.76
C ASP A 2 -2.44 -4.63 -3.80
N CYS A 3 -2.30 -3.38 -4.26
CA CYS A 3 -1.74 -2.32 -3.44
C CYS A 3 -2.66 -1.11 -3.41
N TYR A 4 -2.34 -0.14 -2.56
CA TYR A 4 -3.13 1.07 -2.44
C TYR A 4 -2.26 2.27 -2.07
N TRP A 5 -2.70 3.46 -2.43
CA TRP A 5 -1.97 4.68 -2.13
C TRP A 5 -2.33 5.22 -0.75
N THR A 6 -1.35 5.79 -0.07
CA THR A 6 -1.57 6.35 1.26
C THR A 6 -0.74 7.61 1.47
N SER A 7 -1.21 8.47 2.36
CA SER A 7 -0.51 9.73 2.66
C SER A 7 0.70 9.47 3.57
N THR A 8 0.42 8.97 4.78
CA THR A 8 1.47 8.70 5.74
C THR A 8 2.34 7.51 5.28
N PRO A 9 3.59 7.49 5.72
CA PRO A 9 4.54 6.42 5.37
C PRO A 9 4.19 5.10 6.03
N PRO A 10 4.32 4.01 5.27
CA PRO A 10 4.79 4.06 3.87
C PRO A 10 3.76 4.70 2.94
N PHE A 11 4.25 5.51 2.02
CA PHE A 11 3.37 6.19 1.06
C PHE A 11 2.62 5.18 0.20
N PHE A 12 3.20 4.00 0.04
CA PHE A 12 2.59 2.95 -0.75
C PHE A 12 2.64 1.61 -0.02
N THR A 13 1.48 0.95 0.09
CA THR A 13 1.39 -0.33 0.76
C THR A 13 0.79 -1.39 -0.15
N CYS A 14 1.26 -2.62 -0.01
CA CYS A 14 0.77 -3.73 -0.82
C CYS A 14 0.22 -4.84 0.06
N THR A 15 -0.51 -5.77 -0.56
CA THR A 15 -1.10 -6.88 0.16
C THR A 15 -0.64 -8.21 -0.40
N PRO A 16 -0.62 -9.25 0.46
CA PRO A 16 -0.20 -10.60 0.06
C PRO A 16 -1.19 -11.26 -0.89
N ASP A 17 -2.41 -10.75 -0.92
CA ASP A 17 -3.46 -11.29 -1.79
C ASP A 17 -3.13 -11.02 -3.25
N GLY A 1 -2.87 -9.74 -3.62
CA GLY A 1 -2.19 -9.35 -4.85
C GLY A 1 -2.62 -7.98 -5.33
N ASP A 2 -2.63 -7.00 -4.44
CA ASP A 2 -3.03 -5.65 -4.78
C ASP A 2 -2.43 -4.64 -3.81
N CYS A 3 -2.29 -3.39 -4.27
CA CYS A 3 -1.73 -2.34 -3.44
C CYS A 3 -2.65 -1.11 -3.41
N TYR A 4 -2.33 -0.16 -2.55
CA TYR A 4 -3.13 1.06 -2.43
C TYR A 4 -2.26 2.25 -2.06
N TRP A 5 -2.71 3.45 -2.42
CA TRP A 5 -1.98 4.67 -2.12
C TRP A 5 -2.34 5.21 -0.74
N THR A 6 -1.36 5.79 -0.06
CA THR A 6 -1.58 6.34 1.27
C THR A 6 -0.74 7.60 1.48
N SER A 7 -1.22 8.47 2.37
CA SER A 7 -0.52 9.72 2.67
C SER A 7 0.69 9.47 3.57
N THR A 8 0.42 8.97 4.78
CA THR A 8 1.47 8.69 5.74
C THR A 8 2.33 7.52 5.27
N PRO A 9 3.60 7.50 5.72
CA PRO A 9 4.54 6.44 5.36
C PRO A 9 4.19 5.10 6.02
N PRO A 10 4.33 4.01 5.26
CA PRO A 10 4.80 4.07 3.86
C PRO A 10 3.77 4.71 2.94
N PHE A 11 4.25 5.53 2.01
CA PHE A 11 3.37 6.20 1.06
C PHE A 11 2.62 5.19 0.20
N PHE A 12 3.20 4.00 0.04
CA PHE A 12 2.59 2.95 -0.75
C PHE A 12 2.64 1.61 -0.02
N THR A 13 1.49 0.96 0.10
CA THR A 13 1.40 -0.32 0.77
C THR A 13 0.78 -1.38 -0.13
N CYS A 14 1.27 -2.62 0.00
CA CYS A 14 0.77 -3.72 -0.81
C CYS A 14 0.21 -4.83 0.08
N THR A 15 -0.49 -5.78 -0.54
CA THR A 15 -1.09 -6.89 0.18
C THR A 15 -0.63 -8.23 -0.39
N PRO A 16 -0.63 -9.26 0.46
CA PRO A 16 -0.22 -10.62 0.06
C PRO A 16 -1.23 -11.27 -0.89
N ASP A 17 -2.43 -10.72 -0.93
CA ASP A 17 -3.49 -11.25 -1.79
C ASP A 17 -3.17 -10.99 -3.26
N GLY A 1 -2.90 -9.76 -3.59
CA GLY A 1 -2.23 -9.36 -4.81
C GLY A 1 -2.69 -8.00 -5.30
N ASP A 2 -2.61 -6.99 -4.42
CA ASP A 2 -3.02 -5.64 -4.77
C ASP A 2 -2.42 -4.63 -3.80
N CYS A 3 -2.29 -3.39 -4.27
CA CYS A 3 -1.72 -2.32 -3.45
C CYS A 3 -2.65 -1.11 -3.43
N TYR A 4 -2.33 -0.14 -2.58
CA TYR A 4 -3.12 1.07 -2.46
C TYR A 4 -2.25 2.27 -2.08
N TRP A 5 -2.71 3.46 -2.43
CA TRP A 5 -1.97 4.68 -2.13
C TRP A 5 -2.33 5.22 -0.75
N THR A 6 -1.35 5.79 -0.07
CA THR A 6 -1.58 6.34 1.27
C THR A 6 -0.74 7.60 1.48
N SER A 7 -1.22 8.47 2.37
CA SER A 7 -0.52 9.71 2.68
C SER A 7 0.68 9.45 3.58
N THR A 8 0.41 8.96 4.78
CA THR A 8 1.47 8.67 5.75
C THR A 8 2.33 7.50 5.28
N PRO A 9 3.60 7.48 5.73
CA PRO A 9 4.54 6.42 5.37
C PRO A 9 4.19 5.09 6.03
N PRO A 10 4.33 4.00 5.26
CA PRO A 10 4.80 4.06 3.87
C PRO A 10 3.77 4.70 2.94
N PHE A 11 4.25 5.53 2.01
CA PHE A 11 3.37 6.20 1.06
C PHE A 11 2.62 5.19 0.20
N PHE A 12 3.21 4.01 0.04
CA PHE A 12 2.60 2.95 -0.76
C PHE A 12 2.64 1.61 -0.02
N THR A 13 1.49 0.97 0.09
CA THR A 13 1.39 -0.31 0.77
C THR A 13 0.79 -1.38 -0.14
N CYS A 14 1.26 -2.61 -0.01
CA CYS A 14 0.78 -3.72 -0.82
C CYS A 14 0.23 -4.84 0.06
N THR A 15 -0.51 -5.75 -0.56
CA THR A 15 -1.09 -6.87 0.16
C THR A 15 -0.63 -8.20 -0.41
N PRO A 16 -0.62 -9.25 0.44
CA PRO A 16 -0.20 -10.59 0.04
C PRO A 16 -1.20 -11.25 -0.91
N ASP A 17 -2.43 -10.76 -0.90
CA ASP A 17 -3.47 -11.30 -1.76
C ASP A 17 -3.16 -11.02 -3.22
#